data_5GIF
#
_entry.id   5GIF
#
_cell.length_a   44.138
_cell.length_b   56.580
_cell.length_c   84.203
_cell.angle_alpha   90.000
_cell.angle_beta   90.000
_cell.angle_gamma   90.000
#
_symmetry.space_group_name_H-M   'P 21 21 21'
#
loop_
_entity.id
_entity.type
_entity.pdbx_description
1 polymer 'Dopamine N-acetyltransferase'
2 non-polymer (4S,5S)-1,2-DITHIANE-4,5-DIOL
3 non-polymer 'ACETYL COENZYME *A'
4 water water
#
_entity_poly.entity_id   1
_entity_poly.type   'polypeptide(L)'
_entity_poly.pdbx_seq_one_letter_code
;GPLGSPYTIELIQPEDGEAVIAMLKTFFFKDDPLNTFLDLGECKELEKYSLKPLPDNCSYKAVNKKGEIIGVFLNGLMRR
PSPDDVPEKAADSCEHPKFKKILSLMDHVEEQFNIFDVYPDEELILDGKILSVDTNYRGLGIAGRLTERAYEYMRENGIN
VYHVLCSSHYSARVMEKLGFHEVFRMQFADYKPQGEVVFKPAAPHVGIQVMAKEV
;
_entity_poly.pdbx_strand_id   A
#
# COMPACT_ATOMS: atom_id res chain seq x y z
N PRO A 6 17.98 9.33 15.13
CA PRO A 6 18.44 10.16 14.03
C PRO A 6 18.32 9.44 12.69
N TYR A 7 17.34 9.83 11.87
CA TYR A 7 17.18 9.20 10.55
C TYR A 7 16.81 10.22 9.49
N THR A 8 17.04 9.89 8.23
CA THR A 8 16.66 10.76 7.12
C THR A 8 15.51 10.14 6.34
N ILE A 9 14.77 10.98 5.63
CA ILE A 9 13.74 10.52 4.72
C ILE A 9 14.18 10.96 3.33
N GLU A 10 14.39 10.01 2.43
CA GLU A 10 14.99 10.28 1.13
C GLU A 10 14.19 9.64 0.01
N LEU A 11 14.28 10.21 -1.18
CA LEU A 11 13.67 9.63 -2.36
C LEU A 11 14.36 8.30 -2.68
N ILE A 12 13.57 7.27 -2.95
CA ILE A 12 14.12 6.00 -3.40
C ILE A 12 14.53 6.10 -4.87
N GLN A 13 15.79 5.74 -5.12
CA GLN A 13 16.42 5.80 -6.44
C GLN A 13 16.37 4.42 -7.09
N PRO A 14 16.56 4.35 -8.42
CA PRO A 14 16.50 3.04 -9.08
C PRO A 14 17.51 2.05 -8.51
N GLU A 15 18.70 2.53 -8.18
CA GLU A 15 19.73 1.64 -7.66
C GLU A 15 19.41 1.12 -6.26
N ASP A 16 18.33 1.62 -5.66
CA ASP A 16 17.93 1.18 -4.32
C ASP A 16 17.03 -0.05 -4.33
N GLY A 17 16.63 -0.49 -5.52
CA GLY A 17 15.67 -1.58 -5.64
C GLY A 17 16.00 -2.82 -4.81
N GLU A 18 17.23 -3.31 -4.93
CA GLU A 18 17.61 -4.50 -4.21
C GLU A 18 17.56 -4.29 -2.70
N ALA A 19 18.02 -3.14 -2.23
CA ALA A 19 17.99 -2.86 -0.79
C ALA A 19 16.56 -2.74 -0.27
N VAL A 20 15.68 -2.13 -1.06
CA VAL A 20 14.28 -2.04 -0.69
C VAL A 20 13.66 -3.43 -0.60
N ILE A 21 13.91 -4.27 -1.59
CA ILE A 21 13.39 -5.64 -1.56
C ILE A 21 13.94 -6.44 -0.38
N ALA A 22 15.22 -6.28 -0.07
CA ALA A 22 15.81 -6.99 1.06
C ALA A 22 15.11 -6.60 2.36
N MET A 23 14.82 -5.31 2.51
CA MET A 23 14.13 -4.84 3.70
C MET A 23 12.69 -5.38 3.77
N LEU A 24 11.98 -5.31 2.64
CA LEU A 24 10.61 -5.81 2.61
C LEU A 24 10.54 -7.30 2.89
N LYS A 25 11.50 -8.06 2.35
CA LYS A 25 11.52 -9.50 2.61
C LYS A 25 11.68 -9.81 4.09
N THR A 26 12.43 -8.95 4.79
CA THR A 26 12.68 -9.15 6.20
C THR A 26 11.45 -8.86 7.06
N PHE A 27 10.72 -7.79 6.71
CA PHE A 27 9.58 -7.34 7.51
C PHE A 27 8.25 -7.57 6.79
N PHE A 28 7.88 -6.66 5.89
CA PHE A 28 6.59 -6.66 5.20
C PHE A 28 6.11 -8.02 4.66
N PHE A 29 7.00 -8.75 3.98
CA PHE A 29 6.62 -10.04 3.41
C PHE A 29 6.20 -11.01 4.51
N LYS A 30 6.74 -10.80 5.71
CA LYS A 30 6.47 -11.68 6.85
C LYS A 30 5.47 -11.12 7.85
N ASP A 31 5.20 -9.81 7.81
CA ASP A 31 4.43 -9.21 8.90
C ASP A 31 3.28 -8.28 8.52
N ASP A 32 3.04 -8.07 7.23
CA ASP A 32 1.76 -7.51 6.84
C ASP A 32 0.71 -8.55 7.23
N PRO A 33 -0.44 -8.12 7.79
CA PRO A 33 -1.41 -9.09 8.30
C PRO A 33 -1.88 -10.15 7.30
N LEU A 34 -2.04 -9.78 6.03
CA LEU A 34 -2.46 -10.77 5.04
C LEU A 34 -1.31 -11.67 4.62
N ASN A 35 -0.13 -11.09 4.45
CA ASN A 35 1.04 -11.88 4.11
C ASN A 35 1.33 -12.94 5.18
N THR A 36 1.26 -12.54 6.44
CA THR A 36 1.55 -13.49 7.50
C THR A 36 0.42 -14.51 7.64
N PHE A 37 -0.82 -14.08 7.43
CA PHE A 37 -1.93 -15.01 7.51
C PHE A 37 -1.77 -16.14 6.50
N LEU A 38 -1.38 -15.78 5.28
CA LEU A 38 -1.19 -16.77 4.21
C LEU A 38 0.13 -17.52 4.29
N ASP A 39 1.09 -16.99 5.04
CA ASP A 39 2.46 -17.49 5.02
C ASP A 39 2.99 -17.42 3.60
N LEU A 40 3.21 -16.19 3.15
CA LEU A 40 3.48 -15.89 1.74
C LEU A 40 4.74 -16.58 1.20
N GLY A 41 5.78 -16.65 2.01
CA GLY A 41 7.03 -17.27 1.61
C GLY A 41 7.75 -16.52 0.51
N GLU A 42 8.47 -17.24 -0.35
CA GLU A 42 9.07 -16.62 -1.52
C GLU A 42 7.97 -16.14 -2.45
N CYS A 43 8.06 -14.90 -2.90
CA CYS A 43 7.02 -14.34 -3.75
C CYS A 43 7.60 -13.29 -4.68
N LYS A 44 8.09 -13.76 -5.82
CA LYS A 44 8.65 -12.86 -6.82
C LYS A 44 7.60 -11.88 -7.34
N GLU A 45 6.34 -12.32 -7.34
CA GLU A 45 5.24 -11.45 -7.76
C GLU A 45 5.12 -10.20 -6.88
N LEU A 46 5.29 -10.36 -5.56
CA LEU A 46 5.24 -9.21 -4.68
C LEU A 46 6.48 -8.33 -4.84
N GLU A 47 7.63 -8.94 -5.14
CA GLU A 47 8.83 -8.16 -5.46
C GLU A 47 8.55 -7.27 -6.67
N LYS A 48 7.99 -7.85 -7.71
CA LYS A 48 7.63 -7.12 -8.93
C LYS A 48 6.67 -5.98 -8.61
N TYR A 49 5.63 -6.29 -7.84
CA TYR A 49 4.61 -5.32 -7.44
C TYR A 49 5.23 -4.14 -6.70
N SER A 50 6.21 -4.45 -5.85
CA SER A 50 6.83 -3.43 -5.03
C SER A 50 7.80 -2.53 -5.81
N LEU A 51 8.48 -3.11 -6.80
CA LEU A 51 9.41 -2.35 -7.61
C LEU A 51 8.71 -1.45 -8.63
N LYS A 52 7.50 -1.84 -9.03
CA LYS A 52 6.78 -1.13 -10.08
C LYS A 52 6.64 0.39 -9.90
N PRO A 53 6.23 0.85 -8.70
CA PRO A 53 6.02 2.30 -8.59
C PRO A 53 7.30 3.15 -8.53
N LEU A 54 8.45 2.52 -8.29
CA LEU A 54 9.67 3.30 -8.04
C LEU A 54 10.00 4.36 -9.10
N PRO A 55 9.90 4.01 -10.41
CA PRO A 55 10.21 5.01 -11.43
C PRO A 55 9.26 6.21 -11.45
N ASP A 56 8.15 6.19 -10.69
CA ASP A 56 7.31 7.37 -10.58
C ASP A 56 7.98 8.46 -9.74
N ASN A 57 9.08 8.14 -9.07
CA ASN A 57 9.86 9.15 -8.35
C ASN A 57 9.11 9.84 -7.20
N CYS A 58 8.30 9.06 -6.48
CA CYS A 58 7.58 9.56 -5.31
C CYS A 58 7.47 8.51 -4.20
N SER A 59 8.48 7.64 -4.12
CA SER A 59 8.59 6.66 -3.04
C SER A 59 9.73 7.05 -2.12
N TYR A 60 9.55 6.82 -0.81
CA TYR A 60 10.49 7.31 0.18
C TYR A 60 11.02 6.22 1.10
N LYS A 61 12.28 6.39 1.49
CA LYS A 61 12.93 5.51 2.43
C LYS A 61 13.37 6.29 3.65
N ALA A 62 13.19 5.68 4.82
CA ALA A 62 13.75 6.18 6.06
C ALA A 62 15.06 5.42 6.28
N VAL A 63 16.12 6.16 6.55
CA VAL A 63 17.47 5.59 6.61
C VAL A 63 18.12 5.98 7.92
N ASN A 64 18.64 5.02 8.66
CA ASN A 64 19.25 5.34 9.95
C ASN A 64 20.65 5.93 9.80
N LYS A 65 21.28 6.24 10.91
CA LYS A 65 22.58 6.90 10.88
C LYS A 65 23.65 6.03 10.23
N LYS A 66 23.48 4.72 10.25
CA LYS A 66 24.44 3.82 9.63
C LYS A 66 24.20 3.61 8.13
N GLY A 67 23.13 4.19 7.61
CA GLY A 67 22.83 4.07 6.19
C GLY A 67 21.93 2.91 5.82
N GLU A 68 21.32 2.26 6.82
CA GLU A 68 20.41 1.14 6.59
C GLU A 68 18.98 1.62 6.43
N ILE A 69 18.25 1.04 5.49
CA ILE A 69 16.84 1.36 5.33
C ILE A 69 16.04 0.78 6.48
N ILE A 70 15.33 1.64 7.20
CA ILE A 70 14.53 1.22 8.35
C ILE A 70 13.03 1.42 8.12
N GLY A 71 12.67 1.96 6.95
CA GLY A 71 11.26 2.09 6.59
C GLY A 71 11.12 2.51 5.15
N VAL A 72 10.01 2.14 4.53
CA VAL A 72 9.69 2.64 3.19
C VAL A 72 8.20 2.92 3.07
N PHE A 73 7.87 3.90 2.24
CA PHE A 73 6.51 4.08 1.74
C PHE A 73 6.63 4.20 0.23
N LEU A 74 6.21 3.14 -0.46
CA LEU A 74 6.25 3.10 -1.92
C LEU A 74 4.93 3.61 -2.46
N ASN A 75 4.99 4.65 -3.29
CA ASN A 75 3.81 5.32 -3.83
C ASN A 75 3.87 5.35 -5.34
N GLY A 76 2.71 5.30 -5.96
CA GLY A 76 2.64 5.46 -7.40
C GLY A 76 1.54 6.41 -7.77
N LEU A 77 1.66 7.05 -8.93
CA LEU A 77 0.58 7.86 -9.45
C LEU A 77 -0.51 6.97 -10.05
N MET A 78 -1.77 7.29 -9.76
CA MET A 78 -2.90 6.61 -10.38
C MET A 78 -3.70 7.59 -11.21
N ARG A 79 -4.11 7.17 -12.40
CA ARG A 79 -4.88 8.02 -13.30
C ARG A 79 -6.32 7.53 -13.44
N ARG A 80 -7.25 8.48 -13.52
CA ARG A 80 -8.66 8.20 -13.79
C ARG A 80 -8.76 7.28 -15.01
N PRO A 81 -9.56 6.21 -14.93
CA PRO A 81 -9.73 5.35 -16.10
C PRO A 81 -10.19 6.16 -17.32
N SER A 82 -9.64 5.83 -18.49
CA SER A 82 -10.02 6.52 -19.73
C SER A 82 -11.48 6.23 -20.06
N PRO A 83 -12.12 7.12 -20.84
CA PRO A 83 -13.50 6.87 -21.24
C PRO A 83 -13.66 5.52 -21.94
N ASP A 84 -12.61 5.06 -22.62
CA ASP A 84 -12.65 3.79 -23.36
C ASP A 84 -11.87 2.71 -22.62
N ASP A 85 -11.80 2.81 -21.30
CA ASP A 85 -11.01 1.89 -20.50
C ASP A 85 -11.49 0.45 -20.65
N VAL A 86 -10.53 -0.47 -20.69
CA VAL A 86 -10.82 -1.90 -20.66
C VAL A 86 -10.23 -2.44 -19.35
N PRO A 87 -11.06 -2.53 -18.31
CA PRO A 87 -10.54 -2.90 -16.99
C PRO A 87 -9.98 -4.32 -16.96
N GLU A 88 -8.88 -4.50 -16.24
CA GLU A 88 -8.23 -5.79 -16.11
C GLU A 88 -8.15 -6.22 -14.65
N LYS A 89 -8.21 -7.52 -14.42
CA LYS A 89 -7.98 -8.07 -13.09
C LYS A 89 -6.49 -8.34 -12.92
N ALA A 90 -5.89 -7.77 -11.87
CA ALA A 90 -4.48 -8.02 -11.57
C ALA A 90 -4.22 -9.50 -11.31
N ALA A 91 -5.22 -10.19 -10.77
CA ALA A 91 -5.06 -11.59 -10.39
C ALA A 91 -4.86 -12.53 -11.57
N ASP A 92 -5.29 -12.12 -12.77
CA ASP A 92 -5.24 -13.01 -13.91
C ASP A 92 -3.83 -13.44 -14.34
N SER A 93 -2.88 -12.52 -14.21
CA SER A 93 -1.51 -12.76 -14.66
C SER A 93 -0.57 -13.16 -13.52
N CYS A 94 -1.11 -13.87 -12.53
CA CYS A 94 -0.35 -14.27 -11.34
C CYS A 94 -0.31 -15.79 -11.13
N GLU A 95 0.90 -16.35 -11.03
CA GLU A 95 1.09 -17.80 -10.90
C GLU A 95 1.30 -18.27 -9.45
N HIS A 96 1.39 -17.33 -8.53
CA HIS A 96 1.64 -17.61 -7.11
C HIS A 96 0.28 -17.71 -6.43
N PRO A 97 -0.12 -18.92 -5.98
CA PRO A 97 -1.49 -19.07 -5.48
C PRO A 97 -1.84 -18.19 -4.28
N LYS A 98 -0.91 -18.01 -3.35
CA LYS A 98 -1.17 -17.15 -2.21
C LYS A 98 -1.27 -15.68 -2.59
N PHE A 99 -0.31 -15.19 -3.37
CA PHE A 99 -0.40 -13.81 -3.81
C PHE A 99 -1.62 -13.58 -4.69
N LYS A 100 -2.04 -14.60 -5.43
CA LYS A 100 -3.24 -14.48 -6.24
C LYS A 100 -4.47 -14.21 -5.37
N LYS A 101 -4.52 -14.80 -4.18
CA LYS A 101 -5.61 -14.50 -3.24
C LYS A 101 -5.62 -13.02 -2.83
N ILE A 102 -4.43 -12.46 -2.60
CA ILE A 102 -4.32 -11.05 -2.26
C ILE A 102 -4.72 -10.16 -3.44
N LEU A 103 -4.23 -10.48 -4.63
CA LEU A 103 -4.60 -9.71 -5.82
C LEU A 103 -6.10 -9.80 -6.11
N SER A 104 -6.70 -10.96 -5.87
CA SER A 104 -8.13 -11.15 -6.11
C SER A 104 -8.93 -10.28 -5.15
N LEU A 105 -8.45 -10.17 -3.92
CA LEU A 105 -9.08 -9.30 -2.94
C LEU A 105 -9.01 -7.85 -3.40
N MET A 106 -7.85 -7.44 -3.91
CA MET A 106 -7.69 -6.09 -4.42
C MET A 106 -8.59 -5.83 -5.61
N ASP A 107 -8.68 -6.79 -6.53
CA ASP A 107 -9.57 -6.67 -7.67
C ASP A 107 -11.01 -6.53 -7.20
N HIS A 108 -11.38 -7.29 -6.18
CA HIS A 108 -12.75 -7.24 -5.65
C HIS A 108 -13.06 -5.86 -5.08
N VAL A 109 -12.12 -5.31 -4.30
CA VAL A 109 -12.30 -3.97 -3.76
C VAL A 109 -12.52 -2.97 -4.89
N GLU A 110 -11.72 -3.06 -5.94
CA GLU A 110 -11.84 -2.12 -7.05
C GLU A 110 -13.14 -2.29 -7.84
N GLU A 111 -13.67 -3.52 -7.90
CA GLU A 111 -14.98 -3.79 -8.51
C GLU A 111 -16.10 -3.13 -7.73
N GLN A 112 -15.91 -3.01 -6.42
CA GLN A 112 -16.95 -2.49 -5.53
C GLN A 112 -16.83 -1.00 -5.31
N PHE A 113 -15.62 -0.47 -5.48
CA PHE A 113 -15.32 0.89 -5.07
C PHE A 113 -14.25 1.50 -5.96
N ASN A 114 -14.58 2.60 -6.63
CA ASN A 114 -13.63 3.34 -7.44
C ASN A 114 -13.35 4.69 -6.80
N ILE A 115 -12.12 4.87 -6.32
CA ILE A 115 -11.71 6.13 -5.69
C ILE A 115 -11.99 7.36 -6.57
N PHE A 116 -11.92 7.18 -7.89
CA PHE A 116 -12.18 8.29 -8.80
C PHE A 116 -13.65 8.74 -8.82
N ASP A 117 -14.55 7.89 -8.36
CA ASP A 117 -15.95 8.29 -8.21
C ASP A 117 -16.11 9.29 -7.05
N VAL A 118 -15.24 9.19 -6.05
CA VAL A 118 -15.30 10.05 -4.90
C VAL A 118 -14.83 11.46 -5.25
N TYR A 119 -13.90 11.53 -6.19
CA TYR A 119 -13.26 12.79 -6.57
C TYR A 119 -13.37 13.05 -8.07
N PRO A 120 -14.59 13.38 -8.54
CA PRO A 120 -14.85 13.51 -9.98
C PRO A 120 -13.93 14.51 -10.70
N ASP A 121 -13.44 15.52 -10.00
CA ASP A 121 -12.64 16.56 -10.64
C ASP A 121 -11.16 16.21 -10.73
N GLU A 122 -10.76 15.10 -10.10
CA GLU A 122 -9.34 14.75 -10.04
C GLU A 122 -8.99 13.78 -11.17
N GLU A 123 -7.86 14.04 -11.83
CA GLU A 123 -7.37 13.15 -12.89
C GLU A 123 -6.25 12.24 -12.38
N LEU A 124 -5.47 12.73 -11.43
CA LEU A 124 -4.33 12.01 -10.89
C LEU A 124 -4.40 12.02 -9.37
N ILE A 125 -4.21 10.84 -8.77
CA ILE A 125 -4.27 10.66 -7.34
C ILE A 125 -2.99 9.90 -6.93
N LEU A 126 -2.45 10.20 -5.76
CA LEU A 126 -1.30 9.46 -5.27
C LEU A 126 -1.78 8.21 -4.54
N ASP A 127 -1.20 7.06 -4.89
CA ASP A 127 -1.58 5.78 -4.30
C ASP A 127 -0.44 5.26 -3.43
N GLY A 128 -0.69 5.10 -2.13
CA GLY A 128 0.28 4.55 -1.21
C GLY A 128 0.20 3.04 -1.22
N LYS A 129 1.20 2.41 -1.83
CA LYS A 129 1.13 1.00 -2.19
C LYS A 129 1.72 0.03 -1.17
N ILE A 130 2.87 0.38 -0.59
CA ILE A 130 3.57 -0.48 0.36
C ILE A 130 4.18 0.37 1.46
N LEU A 131 3.76 0.13 2.69
CA LEU A 131 4.27 0.87 3.86
C LEU A 131 4.80 -0.14 4.88
N SER A 132 6.05 0.03 5.28
CA SER A 132 6.72 -0.95 6.15
C SER A 132 7.79 -0.23 6.97
N VAL A 133 7.82 -0.50 8.27
CA VAL A 133 8.86 0.03 9.15
C VAL A 133 9.50 -1.14 9.91
N ASP A 134 10.82 -1.14 10.00
CA ASP A 134 11.57 -2.13 10.77
C ASP A 134 11.03 -2.18 12.19
N THR A 135 10.78 -3.40 12.68
CA THR A 135 10.23 -3.61 14.02
C THR A 135 10.91 -2.81 15.13
N ASN A 136 12.23 -2.74 15.10
CA ASN A 136 12.98 -2.06 16.15
C ASN A 136 12.86 -0.54 16.10
N TYR A 137 12.20 -0.04 15.06
CA TYR A 137 12.02 1.40 14.88
C TYR A 137 10.54 1.78 14.86
N ARG A 138 9.66 0.85 15.24
CA ARG A 138 8.22 1.13 15.26
C ARG A 138 7.81 1.98 16.45
N GLY A 139 6.69 2.69 16.30
CA GLY A 139 6.17 3.50 17.38
C GLY A 139 6.93 4.79 17.61
N LEU A 140 7.73 5.19 16.62
CA LEU A 140 8.54 6.41 16.70
C LEU A 140 8.04 7.51 15.77
N GLY A 141 6.99 7.25 15.00
CA GLY A 141 6.45 8.23 14.09
C GLY A 141 7.06 8.18 12.70
N ILE A 142 7.83 7.14 12.39
CA ILE A 142 8.43 7.03 11.07
C ILE A 142 7.38 6.93 9.95
N ALA A 143 6.34 6.14 10.15
CA ALA A 143 5.27 6.06 9.15
C ALA A 143 4.75 7.47 8.80
N GLY A 144 4.54 8.29 9.81
CA GLY A 144 4.05 9.64 9.60
C GLY A 144 5.05 10.51 8.84
N ARG A 145 6.33 10.38 9.17
CA ARG A 145 7.32 11.17 8.46
C ARG A 145 7.49 10.74 7.01
N LEU A 146 7.36 9.43 6.75
CA LEU A 146 7.34 8.97 5.36
C LEU A 146 6.17 9.55 4.61
N THR A 147 5.00 9.52 5.26
CA THR A 147 3.77 9.98 4.65
C THR A 147 3.85 11.47 4.35
N GLU A 148 4.37 12.23 5.31
CA GLU A 148 4.49 13.68 5.18
C GLU A 148 5.41 14.09 4.02
N ARG A 149 6.42 13.28 3.73
CA ARG A 149 7.30 13.60 2.61
C ARG A 149 6.54 13.56 1.28
N ALA A 150 5.55 12.66 1.19
CA ALA A 150 4.70 12.60 0.01
C ALA A 150 3.87 13.88 -0.19
N TYR A 151 3.51 14.55 0.92
CA TYR A 151 2.73 15.78 0.81
C TYR A 151 3.53 16.83 0.05
N GLU A 152 4.84 16.81 0.23
CA GLU A 152 5.73 17.70 -0.49
C GLU A 152 5.63 17.46 -1.99
N TYR A 153 5.71 16.20 -2.39
CA TYR A 153 5.56 15.83 -3.80
C TYR A 153 4.20 16.26 -4.34
N MET A 154 3.16 16.05 -3.55
CA MET A 154 1.81 16.41 -3.95
C MET A 154 1.69 17.91 -4.19
N ARG A 155 2.22 18.71 -3.26
CA ARG A 155 2.22 20.16 -3.40
C ARG A 155 2.96 20.58 -4.66
N GLU A 156 4.13 19.99 -4.87
CA GLU A 156 4.97 20.35 -6.01
C GLU A 156 4.28 20.04 -7.34
N ASN A 157 3.36 19.07 -7.33
CA ASN A 157 2.75 18.61 -8.57
C ASN A 157 1.24 18.83 -8.69
N GLY A 158 0.65 19.59 -7.78
CA GLY A 158 -0.78 19.87 -7.84
C GLY A 158 -1.67 18.64 -7.67
N ILE A 159 -1.20 17.66 -6.89
CA ILE A 159 -2.01 16.49 -6.58
C ILE A 159 -2.70 16.77 -5.26
N ASN A 160 -4.01 16.53 -5.22
CA ASN A 160 -4.81 16.85 -4.04
C ASN A 160 -5.13 15.65 -3.15
N VAL A 161 -5.20 14.47 -3.73
CA VAL A 161 -5.68 13.30 -2.99
C VAL A 161 -4.61 12.22 -2.84
N TYR A 162 -4.47 11.72 -1.61
CA TYR A 162 -3.60 10.60 -1.27
C TYR A 162 -4.50 9.45 -0.82
N HIS A 163 -4.41 8.33 -1.54
CA HIS A 163 -5.25 7.14 -1.37
C HIS A 163 -4.39 5.99 -0.86
N VAL A 164 -4.82 5.33 0.22
CA VAL A 164 -4.07 4.22 0.79
C VAL A 164 -5.03 3.09 1.17
N LEU A 165 -4.93 1.96 0.48
CA LEU A 165 -5.66 0.77 0.88
C LEU A 165 -4.94 0.09 2.04
N CYS A 166 -5.61 0.03 3.19
CA CYS A 166 -5.04 -0.59 4.37
C CYS A 166 -5.56 -2.01 4.57
N SER A 167 -4.63 -2.93 4.82
CA SER A 167 -4.96 -4.35 4.93
C SER A 167 -5.46 -4.79 6.31
N SER A 168 -5.53 -3.86 7.25
CA SER A 168 -6.03 -4.14 8.60
C SER A 168 -6.46 -2.86 9.23
N HIS A 169 -7.37 -2.95 10.21
CA HIS A 169 -7.70 -1.78 10.99
C HIS A 169 -6.50 -1.23 11.76
N TYR A 170 -5.52 -2.10 12.05
CA TYR A 170 -4.30 -1.63 12.72
C TYR A 170 -3.60 -0.52 11.92
N SER A 171 -3.40 -0.74 10.62
CA SER A 171 -2.73 0.26 9.80
C SER A 171 -3.67 1.41 9.43
N ALA A 172 -4.97 1.13 9.30
CA ALA A 172 -5.93 2.20 9.06
C ALA A 172 -5.92 3.22 10.20
N ARG A 173 -5.75 2.73 11.43
CA ARG A 173 -5.65 3.61 12.60
C ARG A 173 -4.45 4.54 12.52
N VAL A 174 -3.33 4.03 12.01
CA VAL A 174 -2.17 4.89 11.83
C VAL A 174 -2.52 5.99 10.83
N MET A 175 -3.15 5.63 9.72
CA MET A 175 -3.48 6.64 8.73
C MET A 175 -4.50 7.66 9.26
N GLU A 176 -5.43 7.20 10.10
CA GLU A 176 -6.38 8.11 10.74
C GLU A 176 -5.65 9.13 11.59
N LYS A 177 -4.65 8.68 12.37
CA LYS A 177 -3.86 9.59 13.19
C LYS A 177 -3.18 10.64 12.33
N LEU A 178 -2.78 10.23 11.13
CA LEU A 178 -2.12 11.12 10.19
C LEU A 178 -3.08 12.01 9.40
N GLY A 179 -4.38 11.93 9.70
CA GLY A 179 -5.34 12.84 9.09
C GLY A 179 -6.09 12.28 7.90
N PHE A 180 -5.99 10.97 7.67
CA PHE A 180 -6.77 10.31 6.62
C PHE A 180 -8.14 9.92 7.17
N HIS A 181 -9.12 9.75 6.30
CA HIS A 181 -10.43 9.23 6.69
C HIS A 181 -10.83 8.07 5.81
N GLU A 182 -11.64 7.18 6.37
CA GLU A 182 -12.16 6.05 5.62
C GLU A 182 -13.01 6.52 4.44
N VAL A 183 -12.83 5.89 3.29
CA VAL A 183 -13.73 6.10 2.15
C VAL A 183 -14.41 4.80 1.69
N PHE A 184 -13.93 3.64 2.15
CA PHE A 184 -14.55 2.36 1.85
C PHE A 184 -14.04 1.32 2.84
N ARG A 185 -14.89 0.36 3.19
CA ARG A 185 -14.46 -0.73 4.07
C ARG A 185 -15.10 -2.04 3.64
N MET A 186 -14.42 -3.14 3.95
CA MET A 186 -15.00 -4.47 3.77
C MET A 186 -14.44 -5.42 4.81
N GLN A 187 -15.32 -6.03 5.58
CA GLN A 187 -14.90 -7.02 6.59
C GLN A 187 -14.39 -8.29 5.92
N PHE A 188 -13.34 -8.89 6.48
CA PHE A 188 -12.89 -10.19 5.99
C PHE A 188 -14.02 -11.22 6.07
N ALA A 189 -14.85 -11.11 7.10
CA ALA A 189 -15.95 -12.07 7.29
C ALA A 189 -16.99 -11.98 6.17
N ASP A 190 -17.02 -10.85 5.46
CA ASP A 190 -17.99 -10.62 4.39
C ASP A 190 -17.40 -10.82 3.00
N TYR A 191 -16.10 -11.09 2.93
CA TYR A 191 -15.46 -11.32 1.64
C TYR A 191 -15.54 -12.79 1.27
N LYS A 192 -16.50 -13.12 0.41
CA LYS A 192 -16.76 -14.51 0.02
C LYS A 192 -16.92 -14.61 -1.50
N PRO A 193 -15.80 -14.43 -2.24
CA PRO A 193 -15.87 -14.36 -3.70
C PRO A 193 -16.50 -15.59 -4.36
N GLN A 194 -16.29 -16.77 -3.79
CA GLN A 194 -16.87 -17.99 -4.30
C GLN A 194 -17.77 -18.65 -3.25
N GLY A 195 -18.38 -17.83 -2.40
CA GLY A 195 -19.36 -18.31 -1.45
C GLY A 195 -18.82 -18.63 -0.07
N GLU A 196 -17.50 -18.64 0.07
CA GLU A 196 -16.87 -18.97 1.34
C GLU A 196 -15.81 -17.95 1.74
N VAL A 197 -15.61 -17.81 3.05
CA VAL A 197 -14.58 -16.93 3.59
C VAL A 197 -13.19 -17.39 3.14
N VAL A 198 -12.36 -16.43 2.73
CA VAL A 198 -10.99 -16.69 2.30
C VAL A 198 -10.00 -16.31 3.40
N PHE A 199 -10.18 -15.11 3.94
CA PHE A 199 -9.28 -14.58 4.96
C PHE A 199 -9.91 -14.59 6.34
N LYS A 200 -9.25 -15.24 7.30
CA LYS A 200 -9.70 -15.24 8.68
C LYS A 200 -8.57 -14.93 9.65
N PRO A 201 -7.97 -13.73 9.55
CA PRO A 201 -6.97 -13.36 10.54
C PRO A 201 -7.66 -13.05 11.88
N ALA A 202 -6.88 -12.72 12.89
CA ALA A 202 -7.41 -12.44 14.21
C ALA A 202 -8.47 -11.34 14.17
N ALA A 203 -9.43 -11.43 15.09
CA ALA A 203 -10.55 -10.49 15.16
C ALA A 203 -10.20 -8.99 15.08
N PRO A 204 -9.12 -8.54 15.76
CA PRO A 204 -8.85 -7.10 15.70
C PRO A 204 -8.54 -6.53 14.30
N HIS A 205 -8.14 -7.36 13.34
CA HIS A 205 -7.85 -6.84 12.01
C HIS A 205 -9.09 -6.34 11.29
N VAL A 206 -10.19 -7.06 11.47
CA VAL A 206 -11.53 -6.75 10.95
C VAL A 206 -11.68 -6.89 9.43
N GLY A 207 -10.90 -6.15 8.67
CA GLY A 207 -11.05 -6.14 7.24
C GLY A 207 -10.21 -5.05 6.62
N ILE A 208 -10.43 -4.79 5.34
CA ILE A 208 -9.72 -3.71 4.68
C ILE A 208 -10.45 -2.38 4.88
N GLN A 209 -9.70 -1.30 4.88
CA GLN A 209 -10.26 0.04 4.83
C GLN A 209 -9.44 0.83 3.83
N VAL A 210 -10.13 1.45 2.87
CA VAL A 210 -9.48 2.41 1.99
C VAL A 210 -9.52 3.76 2.68
N MET A 211 -8.35 4.37 2.84
CA MET A 211 -8.21 5.65 3.52
C MET A 211 -7.80 6.72 2.53
N ALA A 212 -8.28 7.94 2.74
CA ALA A 212 -7.94 9.04 1.86
C ALA A 212 -7.68 10.31 2.65
N LYS A 213 -6.79 11.15 2.11
CA LYS A 213 -6.58 12.48 2.65
C LYS A 213 -6.52 13.47 1.50
N GLU A 214 -7.14 14.64 1.68
CA GLU A 214 -7.00 15.71 0.73
C GLU A 214 -6.03 16.71 1.34
N VAL A 215 -4.96 16.99 0.61
CA VAL A 215 -3.88 17.80 1.13
C VAL A 215 -3.86 19.12 0.40
#